data_8H0M
#
_entry.id   8H0M
#
_cell.length_a   90.039
_cell.length_b   90.039
_cell.length_c   94.582
_cell.angle_alpha   90.000
_cell.angle_beta   90.000
_cell.angle_gamma   120.000
#
_symmetry.space_group_name_H-M   'P 64'
#
loop_
_entity.id
_entity.type
_entity.pdbx_description
1 polymer VioD
2 non-polymer 'FLAVIN-ADENINE DINUCLEOTIDE'
3 non-polymer 'FORMIC ACID'
4 non-polymer (2S)-2-ethylhexan-1-ol
5 water water
#
_entity_poly.entity_id   1
_entity_poly.type   'polypeptide(L)'
_entity_poly.pdbx_seq_one_letter_code
;MGSSHHHHHHSSGLVPRGSHMASMKILVIGAGPAGLIFASQMKQAQPGWDISIVEKNTQEEVLGWGVVLPGRPPRHPANP
LSYLEQPERLNPQYLEEFKLVHHDQPNLMSTGVTLCGVERRGLVQALRAKCVAAGIAISYETPPASQAQLEAEYDLVVVA
NGVNHKTLQLPPSLAPQIDFGRNKYIWYGTTQLFDQMNLVFRSNAQGMFIGHAYRYSDTMSTFVVECDEQAYARAELEMR
SERDAAAYIAKVFEAELGGHALVSQPGQGWRNFMTLSRERACEGKFVLIGDALQSGHFSIGHGTTMAVVLALLLVKTLSA
DTDPVAALDNFNARALPLAHLFRDHANSSRLWFESVAERMELSNADLTASFDARRKDLPPLQDALMASLGYALGRLEHHH
HHH
;
_entity_poly.pdbx_strand_id   A
#
# COMPACT_ATOMS: atom_id res chain seq x y z
N SER A 12 -26.51 17.47 -10.65
CA SER A 12 -26.51 16.03 -10.42
C SER A 12 -25.12 15.52 -10.01
N GLY A 13 -24.21 16.44 -9.77
CA GLY A 13 -23.00 16.12 -9.05
C GLY A 13 -23.15 16.11 -7.55
N LEU A 14 -24.38 16.32 -7.06
CA LEU A 14 -24.66 16.32 -5.63
C LEU A 14 -24.66 14.90 -5.09
N VAL A 15 -24.27 14.77 -3.83
CA VAL A 15 -24.25 13.46 -3.18
C VAL A 15 -25.68 12.98 -2.96
N PRO A 16 -25.99 11.71 -3.21
CA PRO A 16 -27.37 11.23 -3.04
C PRO A 16 -27.83 11.36 -1.59
N ARG A 17 -29.13 11.54 -1.42
CA ARG A 17 -29.66 12.03 -0.15
C ARG A 17 -30.94 11.30 0.20
N GLY A 18 -31.61 11.80 1.23
CA GLY A 18 -32.87 11.25 1.67
C GLY A 18 -32.73 10.00 2.51
N SER A 19 -32.83 8.84 1.87
CA SER A 19 -32.88 7.56 2.57
C SER A 19 -31.72 6.67 2.14
N HIS A 20 -31.51 5.62 2.94
CA HIS A 20 -30.64 4.52 2.51
C HIS A 20 -31.19 3.96 1.21
N MET A 21 -30.29 3.62 0.29
CA MET A 21 -30.65 3.23 -1.05
C MET A 21 -30.51 1.71 -1.20
N ALA A 22 -31.63 1.06 -1.55
CA ALA A 22 -31.55 -0.31 -2.02
C ALA A 22 -31.13 -0.38 -3.49
N SER A 23 -31.26 0.72 -4.20
CA SER A 23 -30.88 0.85 -5.61
C SER A 23 -29.66 1.74 -5.68
N MET A 24 -28.47 1.14 -5.75
CA MET A 24 -27.24 1.91 -5.81
C MET A 24 -26.37 1.43 -6.97
N LYS A 25 -25.97 2.38 -7.79
CA LYS A 25 -25.07 2.17 -8.92
C LYS A 25 -23.74 2.78 -8.54
N ILE A 26 -22.73 1.94 -8.34
CA ILE A 26 -21.42 2.36 -7.85
C ILE A 26 -20.35 1.93 -8.86
N LEU A 27 -19.48 2.86 -9.21
CA LEU A 27 -18.27 2.56 -9.96
C LEU A 27 -17.08 2.54 -9.00
N VAL A 28 -16.21 1.54 -9.15
CA VAL A 28 -14.92 1.52 -8.47
C VAL A 28 -13.84 1.78 -9.51
N ILE A 29 -13.10 2.87 -9.34
CA ILE A 29 -12.03 3.26 -10.26
C ILE A 29 -10.74 2.67 -9.70
N GLY A 30 -10.27 1.59 -10.32
CA GLY A 30 -9.01 0.99 -9.91
C GLY A 30 -9.16 -0.42 -9.38
N ALA A 31 -8.51 -1.38 -10.03
CA ALA A 31 -8.59 -2.80 -9.67
C ALA A 31 -7.35 -3.26 -8.92
N GLY A 32 -6.99 -2.54 -7.86
CA GLY A 32 -5.93 -2.94 -6.96
C GLY A 32 -6.52 -3.40 -5.62
N PRO A 33 -5.68 -3.62 -4.61
CA PRO A 33 -6.20 -4.20 -3.36
C PRO A 33 -7.36 -3.40 -2.75
N ALA A 34 -7.24 -2.07 -2.70
CA ALA A 34 -8.29 -1.25 -2.08
C ALA A 34 -9.60 -1.43 -2.84
N GLY A 35 -9.57 -1.25 -4.16
CA GLY A 35 -10.80 -1.36 -4.95
C GLY A 35 -11.41 -2.73 -4.89
N LEU A 36 -10.58 -3.78 -4.84
CA LEU A 36 -11.09 -5.13 -4.93
C LEU A 36 -11.66 -5.61 -3.60
N ILE A 37 -10.96 -5.35 -2.49
CA ILE A 37 -11.53 -5.62 -1.17
C ILE A 37 -12.82 -4.85 -0.99
N PHE A 38 -12.83 -3.56 -1.37
CA PHE A 38 -14.06 -2.78 -1.26
C PHE A 38 -15.18 -3.41 -2.07
N ALA A 39 -14.95 -3.62 -3.37
CA ALA A 39 -16.03 -4.06 -4.25
C ALA A 39 -16.61 -5.39 -3.78
N SER A 40 -15.74 -6.33 -3.42
CA SER A 40 -16.21 -7.65 -3.00
C SER A 40 -16.88 -7.60 -1.64
N GLN A 41 -16.29 -6.85 -0.70
CA GLN A 41 -16.92 -6.78 0.62
C GLN A 41 -18.22 -5.99 0.57
N MET A 42 -18.31 -5.00 -0.31
CA MET A 42 -19.54 -4.22 -0.45
C MET A 42 -20.65 -5.06 -1.08
N LYS A 43 -20.31 -5.81 -2.13
CA LYS A 43 -21.29 -6.69 -2.76
C LYS A 43 -21.77 -7.77 -1.81
N GLN A 44 -20.90 -8.25 -0.93
CA GLN A 44 -21.34 -9.19 0.10
C GLN A 44 -22.35 -8.53 1.05
N ALA A 45 -22.08 -7.28 1.44
CA ALA A 45 -22.99 -6.62 2.38
C ALA A 45 -24.29 -6.20 1.72
N GLN A 46 -24.24 -5.79 0.45
CA GLN A 46 -25.42 -5.32 -0.28
C GLN A 46 -25.54 -6.06 -1.60
N PRO A 47 -25.98 -7.33 -1.57
CA PRO A 47 -25.98 -8.15 -2.80
C PRO A 47 -26.81 -7.57 -3.92
N GLY A 48 -27.74 -6.66 -3.64
CA GLY A 48 -28.56 -6.05 -4.65
C GLY A 48 -28.03 -4.77 -5.23
N TRP A 49 -26.84 -4.34 -4.83
CA TRP A 49 -26.26 -3.15 -5.42
C TRP A 49 -25.54 -3.51 -6.73
N ASP A 50 -25.39 -2.52 -7.60
CA ASP A 50 -24.75 -2.69 -8.90
C ASP A 50 -23.35 -2.10 -8.82
N ILE A 51 -22.38 -2.96 -8.57
CA ILE A 51 -20.99 -2.56 -8.37
C ILE A 51 -20.15 -3.09 -9.52
N SER A 52 -19.37 -2.21 -10.15
CA SER A 52 -18.48 -2.59 -11.23
C SER A 52 -17.18 -1.82 -11.12
N ILE A 53 -16.12 -2.40 -11.69
CA ILE A 53 -14.76 -1.85 -11.59
C ILE A 53 -14.24 -1.55 -12.98
N VAL A 54 -13.53 -0.42 -13.10
CA VAL A 54 -12.77 -0.11 -14.31
C VAL A 54 -11.29 0.03 -13.93
N GLU A 55 -10.42 -0.46 -14.81
CA GLU A 55 -8.98 -0.51 -14.58
C GLU A 55 -8.32 0.06 -15.82
N LYS A 56 -7.48 1.08 -15.63
CA LYS A 56 -6.93 1.79 -16.78
C LYS A 56 -5.90 0.95 -17.52
N ASN A 57 -5.19 0.09 -16.81
CA ASN A 57 -4.13 -0.70 -17.42
C ASN A 57 -4.68 -2.00 -18.00
N THR A 58 -3.82 -2.69 -18.73
CA THR A 58 -4.15 -4.04 -19.12
C THR A 58 -4.28 -4.91 -17.88
N GLN A 59 -5.02 -6.01 -18.03
CA GLN A 59 -5.19 -6.95 -16.92
C GLN A 59 -3.84 -7.46 -16.43
N GLU A 60 -2.91 -7.71 -17.36
CA GLU A 60 -1.62 -8.32 -17.03
C GLU A 60 -0.67 -7.37 -16.32
N GLU A 61 -0.86 -6.06 -16.50
CA GLU A 61 0.03 -5.11 -15.85
C GLU A 61 -0.21 -5.12 -14.33
N VAL A 62 0.83 -5.42 -13.56
CA VAL A 62 0.80 -5.23 -12.10
C VAL A 62 2.20 -4.85 -11.67
N LEU A 63 2.33 -3.74 -10.94
CA LEU A 63 3.63 -3.19 -10.60
C LEU A 63 4.18 -3.81 -9.32
N GLY A 64 5.47 -3.61 -9.11
CA GLY A 64 6.14 -4.14 -7.93
C GLY A 64 6.34 -5.64 -8.06
N TRP A 65 6.94 -6.20 -7.01
CA TRP A 65 7.33 -7.60 -6.99
C TRP A 65 6.56 -8.32 -5.88
N GLY A 66 7.13 -8.41 -4.69
CA GLY A 66 6.39 -8.89 -3.53
C GLY A 66 5.88 -7.74 -2.67
N VAL A 67 5.01 -8.09 -1.72
CA VAL A 67 4.68 -7.21 -0.60
C VAL A 67 4.78 -8.04 0.66
N VAL A 68 5.09 -7.37 1.78
N VAL A 68 5.09 -7.36 1.76
CA VAL A 68 5.00 -8.01 3.08
CA VAL A 68 5.00 -7.95 3.09
C VAL A 68 3.69 -7.59 3.73
C VAL A 68 3.63 -7.59 3.66
N LEU A 69 2.98 -8.56 4.31
CA LEU A 69 1.67 -8.38 4.89
C LEU A 69 1.66 -8.90 6.31
N PRO A 70 0.70 -8.45 7.13
CA PRO A 70 0.70 -8.87 8.55
C PRO A 70 0.11 -10.25 8.76
N GLY A 71 0.91 -11.14 9.34
CA GLY A 71 0.43 -12.40 9.90
C GLY A 71 0.24 -13.52 8.88
N ARG A 72 0.16 -14.74 9.40
CA ARG A 72 -0.29 -15.86 8.57
C ARG A 72 -1.79 -15.67 8.32
N PRO A 73 -2.26 -15.70 7.08
CA PRO A 73 -3.71 -15.65 6.87
C PRO A 73 -4.35 -16.89 7.44
N PRO A 74 -5.55 -16.79 8.01
CA PRO A 74 -6.35 -15.56 8.08
C PRO A 74 -6.37 -14.88 9.44
N ARG A 75 -5.29 -15.03 10.23
CA ARG A 75 -5.27 -14.43 11.57
C ARG A 75 -5.63 -12.95 11.53
N HIS A 76 -5.09 -12.21 10.57
CA HIS A 76 -5.19 -10.77 10.59
C HIS A 76 -6.26 -10.29 9.61
N PRO A 77 -7.32 -9.65 10.07
CA PRO A 77 -8.34 -9.13 9.14
C PRO A 77 -7.82 -8.07 8.18
N ALA A 78 -6.66 -7.47 8.44
CA ALA A 78 -6.10 -6.48 7.54
C ALA A 78 -5.22 -7.12 6.45
N ASN A 79 -4.93 -8.40 6.57
CA ASN A 79 -4.15 -9.09 5.52
C ASN A 79 -5.08 -9.45 4.37
N PRO A 80 -4.85 -8.96 3.15
CA PRO A 80 -5.78 -9.26 2.06
C PRO A 80 -5.86 -10.75 1.74
N LEU A 81 -4.82 -11.52 2.07
CA LEU A 81 -4.86 -12.96 1.83
C LEU A 81 -5.95 -13.62 2.67
N SER A 82 -6.32 -13.01 3.80
CA SER A 82 -7.39 -13.53 4.64
C SER A 82 -8.74 -13.56 3.95
N TYR A 83 -8.88 -12.93 2.79
CA TYR A 83 -10.12 -12.85 2.04
C TYR A 83 -10.13 -13.81 0.86
N LEU A 84 -9.13 -14.67 0.76
CA LEU A 84 -9.04 -15.68 -0.28
C LEU A 84 -9.31 -17.06 0.30
N GLU A 85 -9.98 -17.91 -0.47
CA GLU A 85 -10.28 -19.24 0.04
C GLU A 85 -9.04 -20.14 0.05
N GLN A 86 -8.09 -19.92 -0.85
CA GLN A 86 -6.86 -20.71 -0.89
C GLN A 86 -5.65 -19.80 -1.03
N PRO A 87 -5.31 -19.05 0.01
CA PRO A 87 -4.12 -18.19 -0.07
C PRO A 87 -2.83 -18.97 -0.26
N GLU A 88 -2.77 -20.20 0.25
CA GLU A 88 -1.60 -21.05 0.10
C GLU A 88 -1.21 -21.26 -1.35
N ARG A 89 -2.17 -21.16 -2.29
CA ARG A 89 -1.88 -21.33 -3.70
C ARG A 89 -0.90 -20.30 -4.21
N LEU A 90 -0.78 -19.15 -3.54
CA LEU A 90 0.14 -18.10 -3.93
C LEU A 90 1.51 -18.29 -3.32
N ASN A 91 1.72 -19.38 -2.59
CA ASN A 91 3.00 -19.69 -1.93
C ASN A 91 3.59 -18.52 -1.14
N PRO A 92 2.83 -17.94 -0.22
CA PRO A 92 3.39 -16.91 0.64
C PRO A 92 4.52 -17.47 1.47
N GLN A 93 5.43 -16.58 1.85
CA GLN A 93 6.60 -16.90 2.65
C GLN A 93 6.46 -16.25 4.02
N TYR A 94 6.70 -17.01 5.08
CA TYR A 94 6.48 -16.52 6.44
C TYR A 94 7.83 -16.28 7.14
N LEU A 95 8.11 -15.01 7.45
CA LEU A 95 9.39 -14.59 7.99
C LEU A 95 9.24 -14.18 9.43
N GLU A 96 10.08 -14.74 10.32
CA GLU A 96 10.00 -14.45 11.75
C GLU A 96 11.18 -13.67 12.28
N GLU A 97 12.19 -13.41 11.45
CA GLU A 97 13.42 -12.79 11.90
C GLU A 97 13.77 -11.63 11.00
N PHE A 98 14.40 -10.64 11.60
CA PHE A 98 14.81 -9.41 10.95
C PHE A 98 16.33 -9.34 11.04
N LYS A 99 16.99 -9.03 9.93
CA LYS A 99 18.44 -8.90 9.89
C LYS A 99 18.80 -7.48 9.45
N LEU A 100 19.34 -6.70 10.38
CA LEU A 100 19.82 -5.37 10.05
C LEU A 100 21.33 -5.45 9.83
N VAL A 101 21.77 -5.08 8.63
CA VAL A 101 23.18 -5.18 8.24
C VAL A 101 23.76 -3.76 8.20
N HIS A 102 24.80 -3.55 8.98
CA HIS A 102 25.43 -2.24 9.13
C HIS A 102 26.92 -2.45 9.28
N HIS A 103 27.71 -1.74 8.47
CA HIS A 103 29.17 -1.93 8.45
C HIS A 103 29.50 -3.39 8.19
N ASP A 104 28.77 -3.97 7.23
CA ASP A 104 28.90 -5.37 6.81
C ASP A 104 28.82 -6.35 7.97
N GLN A 105 28.18 -5.95 9.07
CA GLN A 105 27.96 -6.81 10.22
C GLN A 105 26.47 -7.07 10.40
N PRO A 106 26.04 -8.33 10.48
CA PRO A 106 24.61 -8.62 10.64
C PRO A 106 24.17 -8.65 12.10
N ASN A 107 22.94 -8.18 12.33
CA ASN A 107 22.31 -8.21 13.64
C ASN A 107 20.95 -8.86 13.46
N LEU A 108 20.76 -10.04 14.06
CA LEU A 108 19.54 -10.82 13.91
C LEU A 108 18.63 -10.63 15.11
N MET A 109 17.33 -10.47 14.84
CA MET A 109 16.37 -10.23 15.91
C MET A 109 14.99 -10.68 15.45
N SER A 110 14.07 -10.71 16.39
CA SER A 110 12.72 -11.14 16.11
C SER A 110 11.91 -10.01 15.49
N THR A 111 11.04 -10.37 14.54
N THR A 111 11.03 -10.35 14.57
CA THR A 111 10.06 -9.43 13.98
CA THR A 111 10.12 -9.35 14.04
C THR A 111 8.95 -9.18 15.00
C THR A 111 8.84 -9.32 14.88
N GLY A 112 8.02 -8.29 14.63
CA GLY A 112 6.90 -8.00 15.52
C GLY A 112 5.70 -8.91 15.39
N VAL A 113 5.28 -9.14 14.16
CA VAL A 113 4.27 -10.11 13.77
C VAL A 113 4.93 -10.93 12.68
N THR A 114 4.48 -12.18 12.50
CA THR A 114 4.98 -12.94 11.37
C THR A 114 4.76 -12.15 10.10
N LEU A 115 5.85 -11.92 9.35
CA LEU A 115 5.77 -11.22 8.08
C LEU A 115 5.37 -12.19 6.98
N CYS A 116 4.35 -11.84 6.21
CA CYS A 116 3.85 -12.73 5.17
C CYS A 116 4.19 -12.10 3.82
N GLY A 117 5.25 -12.62 3.17
CA GLY A 117 5.65 -12.12 1.86
C GLY A 117 4.93 -12.90 0.77
N VAL A 118 4.37 -12.17 -0.21
CA VAL A 118 3.63 -12.82 -1.28
C VAL A 118 3.75 -12.00 -2.54
N GLU A 119 3.64 -12.65 -3.70
CA GLU A 119 3.72 -11.92 -4.96
C GLU A 119 2.51 -11.01 -5.14
N ARG A 120 2.77 -9.75 -5.48
CA ARG A 120 1.69 -8.79 -5.71
C ARG A 120 0.78 -9.24 -6.83
N ARG A 121 1.37 -9.73 -7.93
CA ARG A 121 0.55 -10.07 -9.10
C ARG A 121 -0.49 -11.12 -8.76
N GLY A 122 -0.08 -12.18 -8.07
CA GLY A 122 -1.02 -13.25 -7.75
C GLY A 122 -2.06 -12.83 -6.73
N LEU A 123 -1.66 -12.04 -5.75
CA LEU A 123 -2.63 -11.45 -4.82
C LEU A 123 -3.70 -10.67 -5.58
N VAL A 124 -3.28 -9.75 -6.45
CA VAL A 124 -4.22 -8.90 -7.16
C VAL A 124 -5.08 -9.74 -8.08
N GLN A 125 -4.49 -10.73 -8.75
CA GLN A 125 -5.28 -11.51 -9.69
C GLN A 125 -6.31 -12.36 -8.97
N ALA A 126 -5.95 -12.89 -7.78
CA ALA A 126 -6.91 -13.68 -7.02
C ALA A 126 -8.08 -12.84 -6.53
N LEU A 127 -7.82 -11.61 -6.10
CA LEU A 127 -8.91 -10.73 -5.67
C LEU A 127 -9.76 -10.27 -6.86
N ARG A 128 -9.16 -10.14 -8.05
CA ARG A 128 -9.97 -9.83 -9.22
C ARG A 128 -10.90 -10.98 -9.56
N ALA A 129 -10.38 -12.20 -9.54
CA ALA A 129 -11.19 -13.37 -9.85
C ALA A 129 -12.30 -13.56 -8.82
N LYS A 130 -12.03 -13.25 -7.55
CA LYS A 130 -13.08 -13.31 -6.53
C LYS A 130 -14.18 -12.31 -6.87
N CYS A 131 -13.79 -11.10 -7.26
CA CYS A 131 -14.76 -10.06 -7.60
C CYS A 131 -15.64 -10.48 -8.77
N VAL A 132 -15.01 -11.07 -9.81
CA VAL A 132 -15.78 -11.48 -10.97
C VAL A 132 -16.75 -12.59 -10.60
N ALA A 133 -16.30 -13.56 -9.80
CA ALA A 133 -17.16 -14.68 -9.41
C ALA A 133 -18.37 -14.22 -8.60
N ALA A 134 -18.24 -13.15 -7.84
CA ALA A 134 -19.38 -12.63 -7.08
C ALA A 134 -20.28 -11.74 -7.92
N GLY A 135 -20.00 -11.56 -9.20
CA GLY A 135 -20.84 -10.77 -10.06
C GLY A 135 -20.41 -9.34 -10.25
N ILE A 136 -19.22 -8.98 -9.81
CA ILE A 136 -18.66 -7.65 -10.07
C ILE A 136 -17.89 -7.73 -11.38
N ALA A 137 -18.30 -6.93 -12.35
CA ALA A 137 -17.59 -6.88 -13.62
C ALA A 137 -16.38 -5.98 -13.50
N ILE A 138 -15.29 -6.38 -14.16
CA ILE A 138 -14.11 -5.54 -14.28
C ILE A 138 -13.84 -5.32 -15.76
N SER A 139 -13.63 -4.08 -16.14
CA SER A 139 -13.32 -3.69 -17.51
C SER A 139 -11.90 -3.14 -17.53
N TYR A 140 -11.00 -3.80 -18.26
CA TYR A 140 -9.62 -3.38 -18.32
C TYR A 140 -9.39 -2.47 -19.54
N GLU A 141 -8.24 -1.80 -19.56
CA GLU A 141 -7.93 -0.81 -20.63
C GLU A 141 -9.12 0.12 -20.76
N THR A 142 -9.67 0.51 -19.62
CA THR A 142 -10.81 1.43 -19.61
C THR A 142 -10.38 2.75 -19.03
N PRO A 143 -10.06 3.76 -19.85
CA PRO A 143 -9.79 5.07 -19.31
C PRO A 143 -11.13 5.54 -18.72
N PRO A 144 -11.26 5.87 -17.42
CA PRO A 144 -12.54 6.25 -16.82
C PRO A 144 -13.11 7.43 -17.63
N ALA A 145 -14.43 7.53 -17.68
CA ALA A 145 -15.06 8.67 -18.39
C ALA A 145 -14.81 9.99 -17.68
N SER A 146 -15.35 11.09 -18.21
CA SER A 146 -15.23 12.42 -17.55
C SER A 146 -16.04 12.44 -16.26
N GLN A 147 -15.76 13.40 -15.37
CA GLN A 147 -16.50 13.53 -14.09
C GLN A 147 -17.99 13.63 -14.38
N ALA A 148 -18.37 14.55 -15.26
CA ALA A 148 -19.80 14.79 -15.52
C ALA A 148 -20.45 13.54 -16.07
N GLN A 149 -19.71 12.76 -16.84
CA GLN A 149 -20.29 11.49 -17.33
C GLN A 149 -20.49 10.57 -16.12
N LEU A 150 -19.48 10.45 -15.26
CA LEU A 150 -19.63 9.53 -14.13
C LEU A 150 -20.73 10.01 -13.20
N GLU A 151 -20.74 11.31 -12.87
CA GLU A 151 -21.77 11.86 -12.00
C GLU A 151 -23.17 11.56 -12.52
N ALA A 152 -23.35 11.57 -13.84
CA ALA A 152 -24.64 11.31 -14.45
C ALA A 152 -24.91 9.83 -14.66
N GLU A 153 -23.90 8.98 -14.54
CA GLU A 153 -24.08 7.55 -14.74
C GLU A 153 -24.09 6.76 -13.43
N TYR A 154 -23.57 7.33 -12.34
CA TYR A 154 -23.37 6.57 -11.10
C TYR A 154 -23.94 7.32 -9.90
N ASP A 155 -24.40 6.54 -8.90
CA ASP A 155 -24.81 7.09 -7.61
C ASP A 155 -23.59 7.42 -6.74
N LEU A 156 -22.52 6.63 -6.88
CA LEU A 156 -21.31 6.80 -6.08
C LEU A 156 -20.10 6.38 -6.90
N VAL A 157 -19.02 7.14 -6.78
CA VAL A 157 -17.75 6.81 -7.42
C VAL A 157 -16.73 6.56 -6.32
N VAL A 158 -16.26 5.32 -6.21
CA VAL A 158 -15.22 4.96 -5.26
C VAL A 158 -13.89 5.04 -5.99
N VAL A 159 -13.07 6.02 -5.62
CA VAL A 159 -11.80 6.30 -6.26
C VAL A 159 -10.71 5.54 -5.51
N ALA A 160 -10.24 4.45 -6.12
CA ALA A 160 -9.22 3.55 -5.52
C ALA A 160 -8.11 3.36 -6.56
N ASN A 161 -7.62 4.46 -7.13
CA ASN A 161 -6.67 4.38 -8.27
C ASN A 161 -5.21 4.63 -7.87
N GLY A 162 -4.87 4.41 -6.61
CA GLY A 162 -3.48 4.58 -6.18
C GLY A 162 -2.98 6.00 -6.31
N VAL A 163 -1.67 6.19 -6.40
CA VAL A 163 -1.10 7.56 -6.44
C VAL A 163 -1.22 8.19 -7.84
N ASN A 164 -2.05 7.66 -8.73
CA ASN A 164 -2.16 8.13 -10.13
C ASN A 164 -3.15 9.29 -10.22
N HIS A 165 -2.91 10.38 -9.49
CA HIS A 165 -3.88 11.48 -9.39
C HIS A 165 -4.13 12.23 -10.71
N LYS A 166 -3.09 12.42 -11.51
CA LYS A 166 -3.23 13.26 -12.73
C LYS A 166 -4.10 12.54 -13.77
N THR A 167 -4.43 11.29 -13.54
CA THR A 167 -5.21 10.51 -14.53
C THR A 167 -6.70 10.75 -14.34
N LEU A 168 -7.07 11.50 -13.31
CA LEU A 168 -8.49 11.63 -12.98
C LEU A 168 -8.88 13.08 -12.73
N GLN A 169 -10.09 13.44 -13.13
CA GLN A 169 -10.58 14.79 -12.78
C GLN A 169 -11.63 14.62 -11.68
N LEU A 170 -11.29 15.05 -10.49
CA LEU A 170 -12.19 14.88 -9.33
C LEU A 170 -12.63 16.26 -8.91
N PRO A 171 -13.63 16.40 -8.01
CA PRO A 171 -13.96 17.69 -7.49
C PRO A 171 -12.69 18.34 -6.93
N PRO A 172 -12.54 19.68 -7.05
CA PRO A 172 -11.33 20.38 -6.59
C PRO A 172 -11.13 20.44 -5.08
N SER A 173 -12.11 19.97 -4.32
CA SER A 173 -11.92 19.89 -2.85
C SER A 173 -11.05 18.66 -2.59
N LEU A 174 -11.10 17.68 -3.49
CA LEU A 174 -10.31 16.47 -3.34
C LEU A 174 -8.89 16.62 -3.88
N ALA A 175 -8.43 17.85 -4.09
CA ALA A 175 -7.11 18.06 -4.70
C ALA A 175 -6.02 17.60 -3.74
N PRO A 176 -5.09 16.77 -4.21
CA PRO A 176 -4.07 16.23 -3.31
C PRO A 176 -2.96 17.23 -2.99
N GLN A 177 -2.41 17.08 -1.80
CA GLN A 177 -1.12 17.65 -1.46
C GLN A 177 -0.05 16.61 -1.77
N ILE A 178 0.88 16.94 -2.67
CA ILE A 178 1.94 16.03 -3.09
C ILE A 178 3.25 16.47 -2.44
N ASP A 179 3.97 15.52 -1.86
CA ASP A 179 5.31 15.74 -1.36
C ASP A 179 6.19 14.66 -1.94
N PHE A 180 7.34 15.04 -2.48
CA PHE A 180 8.26 14.09 -3.07
C PHE A 180 9.43 13.84 -2.13
N GLY A 181 9.75 12.56 -1.91
CA GLY A 181 10.83 12.24 -0.99
C GLY A 181 12.19 12.66 -1.51
N ARG A 182 13.15 12.80 -0.60
CA ARG A 182 14.50 13.21 -0.97
C ARG A 182 15.30 12.05 -1.54
N ASN A 183 15.10 10.84 -1.00
CA ASN A 183 15.79 9.69 -1.56
C ASN A 183 15.17 9.33 -2.91
N LYS A 184 15.96 8.65 -3.74
CA LYS A 184 15.44 8.00 -4.92
C LYS A 184 15.36 6.52 -4.61
N TYR A 185 14.35 5.84 -5.13
CA TYR A 185 14.18 4.42 -4.89
C TYR A 185 13.79 3.72 -6.18
N ILE A 186 14.05 2.42 -6.22
CA ILE A 186 13.60 1.54 -7.29
C ILE A 186 13.20 0.21 -6.67
N TRP A 187 12.15 -0.39 -7.21
CA TRP A 187 11.59 -1.65 -6.71
C TRP A 187 12.11 -2.79 -7.59
N TYR A 188 13.12 -3.51 -7.10
CA TYR A 188 13.65 -4.65 -7.83
C TYR A 188 13.08 -5.97 -7.32
N GLY A 189 13.13 -6.98 -8.19
CA GLY A 189 13.03 -8.37 -7.80
C GLY A 189 14.35 -9.07 -8.04
N THR A 190 14.61 -10.17 -7.33
CA THR A 190 15.88 -10.88 -7.47
C THR A 190 15.65 -12.36 -7.17
N THR A 191 16.56 -13.20 -7.66
CA THR A 191 16.50 -14.62 -7.38
C THR A 191 17.28 -15.02 -6.15
N GLN A 192 18.00 -14.08 -5.53
CA GLN A 192 18.49 -14.33 -4.19
C GLN A 192 17.30 -14.54 -3.25
N LEU A 193 17.44 -15.45 -2.30
CA LEU A 193 16.39 -15.75 -1.34
C LEU A 193 16.77 -15.20 0.02
N PHE A 194 15.95 -14.30 0.56
CA PHE A 194 16.19 -13.66 1.85
C PHE A 194 15.19 -14.25 2.83
N ASP A 195 15.64 -15.27 3.57
CA ASP A 195 14.77 -15.95 4.51
C ASP A 195 14.49 -15.12 5.76
N GLN A 196 15.27 -14.06 5.99
CA GLN A 196 14.93 -13.05 6.97
C GLN A 196 14.64 -11.75 6.23
N MET A 197 13.81 -10.90 6.82
N MET A 197 13.85 -10.90 6.86
CA MET A 197 13.70 -9.56 6.28
CA MET A 197 13.70 -9.53 6.39
C MET A 197 15.02 -8.85 6.52
C MET A 197 15.02 -8.80 6.56
N ASN A 198 15.60 -8.32 5.45
CA ASN A 198 16.91 -7.67 5.47
C ASN A 198 16.73 -6.16 5.34
N LEU A 199 17.36 -5.40 6.22
CA LEU A 199 17.50 -3.96 6.04
C LEU A 199 19.00 -3.68 6.01
N VAL A 200 19.50 -3.27 4.85
CA VAL A 200 20.93 -3.29 4.56
C VAL A 200 21.41 -1.86 4.34
N PHE A 201 22.27 -1.37 5.22
CA PHE A 201 22.84 -0.04 5.10
C PHE A 201 24.25 -0.14 4.54
N ARG A 202 24.51 0.55 3.45
CA ARG A 202 25.83 0.55 2.82
C ARG A 202 26.16 1.93 2.30
N SER A 203 27.12 2.59 2.94
CA SER A 203 27.71 3.81 2.43
C SER A 203 28.96 3.48 1.61
N ASN A 204 29.14 4.20 0.51
CA ASN A 204 30.36 4.05 -0.29
C ASN A 204 30.80 5.44 -0.74
N ALA A 205 31.67 5.49 -1.75
CA ALA A 205 32.22 6.76 -2.20
C ALA A 205 31.19 7.64 -2.88
N GLN A 206 30.12 7.05 -3.42
CA GLN A 206 29.09 7.86 -4.09
C GLN A 206 28.07 8.41 -3.11
N GLY A 207 27.72 7.65 -2.07
CA GLY A 207 26.74 8.11 -1.11
C GLY A 207 26.13 7.03 -0.25
N MET A 208 24.84 7.18 0.07
CA MET A 208 24.15 6.31 1.00
C MET A 208 23.13 5.46 0.25
N PHE A 209 23.20 4.14 0.48
CA PHE A 209 22.30 3.17 -0.14
C PHE A 209 21.67 2.31 0.95
N ILE A 210 20.37 2.06 0.84
CA ILE A 210 19.66 1.19 1.76
C ILE A 210 18.89 0.15 0.95
N GLY A 211 19.00 -1.11 1.35
CA GLY A 211 18.26 -2.20 0.73
C GLY A 211 17.22 -2.76 1.69
N HIS A 212 16.01 -2.95 1.18
CA HIS A 212 14.90 -3.57 1.87
C HIS A 212 14.58 -4.87 1.13
N ALA A 213 14.86 -6.02 1.76
CA ALA A 213 14.80 -7.30 1.05
C ALA A 213 14.09 -8.38 1.85
N TYR A 214 13.29 -9.19 1.17
CA TYR A 214 12.64 -10.33 1.80
C TYR A 214 12.14 -11.28 0.70
N ARG A 215 12.15 -12.57 1.02
CA ARG A 215 11.66 -13.58 0.10
C ARG A 215 10.15 -13.54 0.03
N TYR A 216 9.58 -13.74 -1.16
CA TYR A 216 8.13 -13.79 -1.29
C TYR A 216 7.61 -14.97 -2.08
N SER A 217 8.48 -15.78 -2.68
CA SER A 217 8.04 -17.04 -3.30
C SER A 217 9.16 -18.06 -3.14
N ASP A 218 8.97 -19.25 -3.72
CA ASP A 218 10.04 -20.24 -3.74
C ASP A 218 11.28 -19.73 -4.45
N THR A 219 11.13 -18.76 -5.35
CA THR A 219 12.22 -18.38 -6.22
C THR A 219 12.60 -16.91 -6.21
N MET A 220 11.79 -16.04 -5.60
CA MET A 220 11.94 -14.61 -5.77
C MET A 220 11.95 -13.89 -4.43
N SER A 221 12.76 -12.84 -4.35
CA SER A 221 12.72 -11.89 -3.26
C SER A 221 12.44 -10.49 -3.80
N THR A 222 11.75 -9.67 -3.01
CA THR A 222 11.79 -8.23 -3.24
C THR A 222 13.15 -7.66 -2.81
N PHE A 223 13.63 -6.68 -3.57
CA PHE A 223 14.84 -5.92 -3.22
C PHE A 223 14.60 -4.47 -3.59
N VAL A 224 14.05 -3.72 -2.63
CA VAL A 224 13.88 -2.28 -2.83
C VAL A 224 15.18 -1.57 -2.45
N VAL A 225 15.65 -0.68 -3.32
CA VAL A 225 16.86 0.09 -3.01
C VAL A 225 16.51 1.57 -3.02
N GLU A 226 16.89 2.28 -1.96
CA GLU A 226 16.84 3.74 -2.00
C GLU A 226 18.22 4.31 -1.76
N CYS A 227 18.46 5.49 -2.34
CA CYS A 227 19.73 6.19 -2.14
C CYS A 227 19.48 7.69 -1.96
N ASP A 228 20.39 8.35 -1.27
CA ASP A 228 20.20 9.79 -1.09
C ASP A 228 20.57 10.52 -2.37
N GLU A 229 20.31 11.83 -2.38
CA GLU A 229 20.55 12.60 -3.60
C GLU A 229 22.03 12.63 -3.96
N GLN A 230 22.92 12.64 -2.96
CA GLN A 230 24.35 12.61 -3.28
C GLN A 230 24.72 11.31 -3.98
N ALA A 231 24.25 10.17 -3.46
CA ALA A 231 24.53 8.90 -4.11
C ALA A 231 23.97 8.86 -5.52
N TYR A 232 22.75 9.37 -5.71
CA TYR A 232 22.10 9.29 -7.01
C TYR A 232 22.84 10.12 -8.06
N ALA A 233 23.36 11.28 -7.67
CA ALA A 233 24.13 12.11 -8.59
C ALA A 233 25.52 11.54 -8.85
N ARG A 234 26.25 11.19 -7.78
CA ARG A 234 27.62 10.71 -7.94
C ARG A 234 27.67 9.41 -8.73
N ALA A 235 26.78 8.45 -8.40
CA ALA A 235 26.72 7.20 -9.15
C ALA A 235 26.14 7.38 -10.55
N GLU A 236 25.66 8.58 -10.88
CA GLU A 236 25.15 8.90 -12.21
C GLU A 236 24.05 7.94 -12.65
N LEU A 237 23.10 7.67 -11.74
CA LEU A 237 22.11 6.64 -12.01
C LEU A 237 21.06 7.11 -13.02
N GLU A 238 20.81 8.42 -13.13
CA GLU A 238 19.82 8.88 -14.10
C GLU A 238 20.27 8.59 -15.53
N MET A 239 21.54 8.87 -15.86
CA MET A 239 21.99 8.64 -17.23
C MET A 239 22.21 7.16 -17.51
N ARG A 240 22.57 6.37 -16.51
CA ARG A 240 22.75 4.94 -16.70
C ARG A 240 21.49 4.27 -17.23
N SER A 241 21.69 3.27 -18.09
CA SER A 241 20.62 2.45 -18.61
C SER A 241 20.02 1.60 -17.48
N GLU A 242 18.89 0.95 -17.78
CA GLU A 242 18.28 0.04 -16.81
C GLU A 242 19.25 -1.07 -16.42
N ARG A 243 19.94 -1.65 -17.41
CA ARG A 243 20.87 -2.73 -17.10
C ARG A 243 22.10 -2.22 -16.36
N ASP A 244 22.63 -1.07 -16.76
CA ASP A 244 23.85 -0.57 -16.14
C ASP A 244 23.61 -0.17 -14.68
N ALA A 245 22.48 0.51 -14.43
CA ALA A 245 22.12 0.83 -13.05
C ALA A 245 21.98 -0.42 -12.19
N ALA A 246 21.31 -1.45 -12.72
CA ALA A 246 21.08 -2.67 -11.95
C ALA A 246 22.40 -3.38 -11.67
N ALA A 247 23.32 -3.35 -12.63
CA ALA A 247 24.65 -3.90 -12.43
C ALA A 247 25.40 -3.16 -11.33
N TYR A 248 25.32 -1.82 -11.33
CA TYR A 248 26.00 -1.05 -10.30
C TYR A 248 25.45 -1.40 -8.93
N ILE A 249 24.12 -1.39 -8.78
CA ILE A 249 23.51 -1.64 -7.49
C ILE A 249 23.81 -3.06 -7.01
N ALA A 250 23.81 -4.02 -7.94
CA ALA A 250 24.13 -5.40 -7.56
C ALA A 250 25.55 -5.52 -7.03
N LYS A 251 26.46 -4.69 -7.55
CA LYS A 251 27.82 -4.65 -7.02
C LYS A 251 27.85 -4.03 -5.62
N VAL A 252 27.09 -2.96 -5.40
CA VAL A 252 27.00 -2.35 -4.07
C VAL A 252 26.54 -3.39 -3.05
N PHE A 253 25.56 -4.21 -3.42
CA PHE A 253 24.99 -5.20 -2.52
C PHE A 253 25.48 -6.61 -2.83
N GLU A 254 26.71 -6.76 -3.32
CA GLU A 254 27.18 -8.09 -3.67
C GLU A 254 27.27 -9.01 -2.45
N ALA A 255 27.57 -8.44 -1.27
CA ALA A 255 27.63 -9.26 -0.07
C ALA A 255 26.29 -9.96 0.19
N GLU A 256 25.19 -9.31 -0.18
CA GLU A 256 23.86 -9.87 0.04
C GLU A 256 23.30 -10.64 -1.15
N LEU A 257 23.60 -10.17 -2.35
CA LEU A 257 23.04 -10.75 -3.52
C LEU A 257 23.87 -11.88 -4.13
N GLY A 258 25.14 -11.88 -3.83
CA GLY A 258 26.00 -12.84 -4.45
C GLY A 258 26.10 -12.52 -5.92
N GLY A 259 25.83 -13.50 -6.71
CA GLY A 259 25.87 -13.31 -8.10
C GLY A 259 24.51 -13.14 -8.67
N HIS A 260 23.47 -13.02 -7.85
CA HIS A 260 22.13 -12.80 -8.33
C HIS A 260 21.85 -11.40 -8.93
N ALA A 261 21.00 -11.32 -9.93
CA ALA A 261 20.74 -10.08 -10.65
C ALA A 261 19.51 -9.40 -10.09
N LEU A 262 19.28 -8.19 -10.59
CA LEU A 262 18.15 -7.34 -10.20
C LEU A 262 17.35 -6.97 -11.44
N VAL A 263 16.04 -7.16 -11.40
CA VAL A 263 15.14 -6.77 -12.48
C VAL A 263 14.10 -5.81 -11.94
N SER A 264 13.75 -4.83 -12.75
CA SER A 264 12.66 -3.90 -12.49
C SER A 264 11.49 -4.21 -13.41
N GLN A 265 10.32 -3.70 -13.04
CA GLN A 265 9.12 -3.92 -13.84
C GLN A 265 9.08 -2.96 -15.02
N PRO A 266 8.37 -3.32 -16.09
CA PRO A 266 8.28 -2.42 -17.25
C PRO A 266 7.81 -1.03 -16.87
N GLY A 267 8.52 -0.01 -17.36
CA GLY A 267 8.16 1.37 -17.12
C GLY A 267 8.31 1.83 -15.69
N GLN A 268 8.84 1.00 -14.80
CA GLN A 268 9.05 1.38 -13.41
C GLN A 268 10.55 1.50 -13.19
N GLY A 269 11.02 2.73 -12.98
CA GLY A 269 12.42 3.03 -12.77
C GLY A 269 12.63 3.73 -11.45
N TRP A 270 13.69 4.52 -11.40
CA TRP A 270 14.02 5.26 -10.18
C TRP A 270 13.00 6.38 -9.98
N ARG A 271 12.65 6.63 -8.71
CA ARG A 271 11.52 7.49 -8.36
C ARG A 271 11.83 8.19 -7.05
N ASN A 272 11.27 9.39 -6.87
CA ASN A 272 11.14 9.96 -5.53
C ASN A 272 9.79 9.52 -4.98
N PHE A 273 9.75 9.07 -3.74
CA PHE A 273 8.47 8.56 -3.24
C PHE A 273 7.47 9.71 -3.15
N MET A 274 6.26 9.45 -3.68
CA MET A 274 5.20 10.44 -3.73
C MET A 274 4.26 10.20 -2.56
N THR A 275 4.37 11.07 -1.53
CA THR A 275 3.43 11.07 -0.41
C THR A 275 2.25 11.94 -0.79
N LEU A 276 1.12 11.30 -1.07
CA LEU A 276 -0.11 11.95 -1.51
C LEU A 276 -1.01 12.09 -0.30
N SER A 277 -1.42 13.33 0.00
CA SER A 277 -2.30 13.60 1.14
C SER A 277 -3.52 14.36 0.66
N ARG A 278 -4.65 14.19 1.35
CA ARG A 278 -5.85 14.96 1.07
C ARG A 278 -6.35 15.59 2.35
N GLU A 279 -7.20 16.60 2.20
CA GLU A 279 -7.79 17.25 3.36
C GLU A 279 -9.22 16.81 3.62
N ARG A 280 -9.79 16.02 2.72
CA ARG A 280 -11.11 15.43 2.84
C ARG A 280 -11.12 14.13 2.05
N ALA A 281 -11.84 13.12 2.54
CA ALA A 281 -11.90 11.85 1.85
C ALA A 281 -13.01 11.77 0.81
N CYS A 282 -13.92 12.73 0.79
CA CYS A 282 -15.10 12.55 -0.03
C CYS A 282 -15.65 13.91 -0.43
N GLU A 283 -16.29 13.93 -1.60
CA GLU A 283 -16.96 15.10 -2.11
C GLU A 283 -17.94 14.66 -3.19
N GLY A 284 -19.14 15.22 -3.15
CA GLY A 284 -20.14 14.84 -4.13
C GLY A 284 -20.38 13.34 -4.12
N LYS A 285 -20.26 12.74 -5.30
CA LYS A 285 -20.39 11.31 -5.47
C LYS A 285 -19.06 10.57 -5.34
N PHE A 286 -17.99 11.26 -4.98
CA PHE A 286 -16.63 10.72 -5.03
C PHE A 286 -16.09 10.50 -3.62
N VAL A 287 -15.56 9.30 -3.38
CA VAL A 287 -14.97 8.94 -2.10
C VAL A 287 -13.68 8.16 -2.38
N LEU A 288 -12.61 8.50 -1.66
CA LEU A 288 -11.27 7.98 -1.91
C LEU A 288 -10.88 6.90 -0.88
N ILE A 289 -10.23 5.83 -1.34
CA ILE A 289 -9.69 4.82 -0.44
C ILE A 289 -8.32 4.39 -0.94
N GLY A 290 -7.55 3.78 -0.03
CA GLY A 290 -6.20 3.28 -0.30
C GLY A 290 -5.21 4.41 -0.57
N ASP A 291 -4.22 4.10 -1.41
CA ASP A 291 -3.18 5.07 -1.73
C ASP A 291 -3.76 6.36 -2.29
N ALA A 292 -4.88 6.27 -3.01
CA ALA A 292 -5.52 7.46 -3.56
C ALA A 292 -5.97 8.43 -2.48
N LEU A 293 -6.38 7.90 -1.32
CA LEU A 293 -6.73 8.76 -0.20
C LEU A 293 -5.48 9.23 0.53
N GLN A 294 -4.52 8.32 0.77
CA GLN A 294 -3.28 8.69 1.44
C GLN A 294 -2.21 7.68 1.09
N SER A 295 -1.07 8.15 0.62
CA SER A 295 0.08 7.27 0.48
C SER A 295 1.12 7.59 1.55
N GLY A 296 1.94 6.59 1.88
CA GLY A 296 2.99 6.76 2.87
C GLY A 296 4.19 5.94 2.47
N HIS A 297 5.37 6.43 2.83
CA HIS A 297 6.61 5.74 2.47
C HIS A 297 6.57 4.25 2.84
N PHE A 298 7.02 3.42 1.90
CA PHE A 298 6.99 1.96 2.04
C PHE A 298 7.82 1.43 3.21
N SER A 299 8.69 2.24 3.80
CA SER A 299 9.56 1.75 4.88
C SER A 299 8.82 1.40 6.18
N ILE A 300 7.50 1.66 6.31
CA ILE A 300 6.80 1.09 7.47
C ILE A 300 5.93 -0.12 7.11
N GLY A 301 5.86 -0.51 5.84
CA GLY A 301 5.24 -1.78 5.51
C GLY A 301 3.74 -1.85 5.74
N HIS A 302 3.02 -0.72 5.61
CA HIS A 302 1.59 -0.67 5.92
C HIS A 302 0.68 -0.38 4.72
N GLY A 303 1.22 -0.22 3.51
CA GLY A 303 0.41 0.25 2.40
C GLY A 303 -0.80 -0.62 2.12
N THR A 304 -0.59 -1.92 1.95
CA THR A 304 -1.72 -2.79 1.61
C THR A 304 -2.64 -2.96 2.81
N THR A 305 -2.06 -2.93 4.02
CA THR A 305 -2.86 -2.99 5.24
C THR A 305 -3.82 -1.82 5.32
N MET A 306 -3.33 -0.61 5.02
CA MET A 306 -4.19 0.57 4.95
C MET A 306 -5.24 0.43 3.85
N ALA A 307 -4.84 -0.09 2.69
CA ALA A 307 -5.82 -0.28 1.62
C ALA A 307 -6.97 -1.15 2.08
N VAL A 308 -6.65 -2.24 2.80
CA VAL A 308 -7.70 -3.15 3.26
C VAL A 308 -8.56 -2.47 4.31
N VAL A 309 -7.93 -1.81 5.29
CA VAL A 309 -8.69 -1.27 6.42
C VAL A 309 -9.59 -0.12 5.98
N LEU A 310 -9.08 0.78 5.13
CA LEU A 310 -9.92 1.85 4.59
C LEU A 310 -11.07 1.31 3.75
N ALA A 311 -10.83 0.25 2.96
CA ALA A 311 -11.91 -0.33 2.18
C ALA A 311 -13.00 -0.87 3.10
N LEU A 312 -12.60 -1.60 4.14
CA LEU A 312 -13.57 -2.16 5.08
C LEU A 312 -14.35 -1.06 5.78
N LEU A 313 -13.67 0.02 6.16
CA LEU A 313 -14.35 1.14 6.80
C LEU A 313 -15.46 1.71 5.91
N LEU A 314 -15.15 1.95 4.64
CA LEU A 314 -16.15 2.49 3.71
C LEU A 314 -17.32 1.53 3.54
N VAL A 315 -17.04 0.21 3.46
CA VAL A 315 -18.12 -0.77 3.37
C VAL A 315 -19.05 -0.65 4.58
N LYS A 316 -18.47 -0.55 5.77
CA LYS A 316 -19.29 -0.49 6.97
C LYS A 316 -20.16 0.76 6.99
N THR A 317 -19.59 1.93 6.62
CA THR A 317 -20.42 3.14 6.66
C THR A 317 -21.54 3.07 5.62
N LEU A 318 -21.26 2.48 4.45
CA LEU A 318 -22.30 2.43 3.42
C LEU A 318 -23.33 1.33 3.68
N SER A 319 -23.00 0.36 4.54
CA SER A 319 -23.93 -0.69 4.92
C SER A 319 -24.96 -0.22 5.95
N ALA A 320 -24.70 0.89 6.63
CA ALA A 320 -25.60 1.35 7.68
C ALA A 320 -26.93 1.81 7.11
N ASP A 321 -27.94 1.87 7.97
CA ASP A 321 -29.25 2.32 7.53
C ASP A 321 -29.29 3.85 7.59
N THR A 322 -28.49 4.46 6.73
CA THR A 322 -28.47 5.95 6.63
C THR A 322 -28.31 6.31 5.16
N ASP A 323 -28.43 7.59 4.87
CA ASP A 323 -28.27 8.05 3.47
C ASP A 323 -26.80 8.13 3.08
N PRO A 324 -26.49 8.11 1.77
CA PRO A 324 -25.12 8.19 1.31
C PRO A 324 -24.35 9.40 1.86
N VAL A 325 -25.00 10.57 1.97
CA VAL A 325 -24.23 11.75 2.45
C VAL A 325 -23.77 11.53 3.90
N ALA A 326 -24.65 11.01 4.74
CA ALA A 326 -24.27 10.81 6.14
C ALA A 326 -23.22 9.70 6.22
N ALA A 327 -23.34 8.71 5.33
CA ALA A 327 -22.39 7.57 5.35
C ALA A 327 -21.00 8.05 4.93
N LEU A 328 -20.93 8.85 3.88
CA LEU A 328 -19.63 9.36 3.38
C LEU A 328 -19.03 10.31 4.42
N ASP A 329 -19.86 11.14 5.06
CA ASP A 329 -19.37 12.00 6.15
C ASP A 329 -18.79 11.14 7.28
N ASN A 330 -19.47 10.04 7.58
CA ASN A 330 -19.03 9.12 8.68
C ASN A 330 -17.66 8.59 8.29
N PHE A 331 -17.55 8.11 7.05
CA PHE A 331 -16.24 7.60 6.55
C PHE A 331 -15.16 8.66 6.69
N ASN A 332 -15.43 9.87 6.19
CA ASN A 332 -14.39 10.93 6.23
C ASN A 332 -13.91 11.14 7.66
N ALA A 333 -14.83 11.13 8.61
CA ALA A 333 -14.49 11.45 10.01
C ALA A 333 -13.80 10.30 10.72
N ARG A 334 -13.86 9.13 10.12
CA ARG A 334 -13.17 7.95 10.71
C ARG A 334 -11.88 7.65 9.92
N ALA A 335 -11.93 7.83 8.61
CA ALA A 335 -10.79 7.46 7.75
C ALA A 335 -9.67 8.52 7.75
N LEU A 336 -10.06 9.79 7.70
CA LEU A 336 -9.02 10.84 7.59
C LEU A 336 -8.11 10.83 8.81
N PRO A 337 -8.57 10.75 10.08
CA PRO A 337 -7.65 10.71 11.20
C PRO A 337 -6.70 9.48 11.15
N LEU A 338 -7.22 8.35 10.69
CA LEU A 338 -6.37 7.13 10.53
C LEU A 338 -5.33 7.37 9.43
N ALA A 339 -5.77 7.89 8.29
CA ALA A 339 -4.86 8.11 7.16
C ALA A 339 -3.75 9.10 7.53
N HIS A 340 -4.10 10.15 8.28
CA HIS A 340 -3.10 11.17 8.67
C HIS A 340 -2.14 10.60 9.72
N LEU A 341 -2.62 9.70 10.58
CA LEU A 341 -1.70 9.05 11.53
C LEU A 341 -0.75 8.13 10.74
N PHE A 342 -1.30 7.42 9.77
CA PHE A 342 -0.44 6.56 8.90
C PHE A 342 0.60 7.44 8.21
N ARG A 343 0.15 8.54 7.64
CA ARG A 343 1.06 9.48 6.95
C ARG A 343 2.18 9.92 7.90
N ASP A 344 1.83 10.26 9.13
CA ASP A 344 2.85 10.78 10.06
C ASP A 344 3.88 9.69 10.40
N HIS A 345 3.41 8.47 10.62
CA HIS A 345 4.34 7.35 10.93
C HIS A 345 5.25 7.12 9.71
N ALA A 346 4.66 7.11 8.53
CA ALA A 346 5.42 6.86 7.29
C ALA A 346 6.43 7.99 7.06
N ASN A 347 5.99 9.23 7.31
CA ASN A 347 6.91 10.40 7.16
C ASN A 347 8.06 10.31 8.17
N SER A 348 7.75 9.98 9.41
CA SER A 348 8.81 9.85 10.43
C SER A 348 9.84 8.80 9.96
N SER A 349 9.33 7.71 9.39
CA SER A 349 10.26 6.65 8.90
C SER A 349 11.00 7.19 7.68
N ARG A 350 10.25 7.72 6.74
CA ARG A 350 10.88 8.25 5.53
C ARG A 350 11.97 9.25 5.87
N LEU A 351 11.72 10.12 6.84
CA LEU A 351 12.71 11.15 7.18
C LEU A 351 13.95 10.53 7.82
N TRP A 352 13.79 9.44 8.55
CA TRP A 352 14.95 8.76 9.17
C TRP A 352 15.85 8.17 8.08
N PHE A 353 15.24 7.62 7.04
CA PHE A 353 16.04 7.01 5.94
C PHE A 353 16.70 8.11 5.11
N GLU A 354 16.05 9.26 4.99
CA GLU A 354 16.65 10.40 4.25
C GLU A 354 17.89 10.94 4.99
N SER A 355 18.04 10.63 6.27
CA SER A 355 19.14 11.23 7.07
C SER A 355 20.08 10.17 7.67
N VAL A 356 19.98 8.92 7.24
CA VAL A 356 20.78 7.85 7.90
C VAL A 356 22.28 8.03 7.58
N ALA A 357 22.57 8.82 6.56
CA ALA A 357 23.99 9.06 6.19
C ALA A 357 24.69 9.79 7.34
N GLU A 358 23.91 10.52 8.14
CA GLU A 358 24.47 11.29 9.28
C GLU A 358 24.49 10.40 10.52
N ARG A 359 24.32 9.09 10.38
CA ARG A 359 24.19 8.19 11.54
C ARG A 359 25.09 6.97 11.37
N MET A 360 25.92 6.96 10.34
CA MET A 360 26.74 5.76 10.05
C MET A 360 27.82 5.52 11.11
N GLU A 361 28.22 6.49 11.91
CA GLU A 361 29.30 6.19 12.87
C GLU A 361 28.78 5.29 13.98
N LEU A 362 27.46 5.09 14.06
CA LEU A 362 26.90 4.34 15.20
C LEU A 362 27.18 2.84 15.09
N SER A 363 27.07 2.15 16.21
CA SER A 363 27.18 0.69 16.20
C SER A 363 25.89 0.14 15.60
N ASN A 364 25.85 -1.15 15.32
CA ASN A 364 24.63 -1.77 14.79
C ASN A 364 23.58 -1.68 15.88
N ALA A 365 23.92 -2.09 17.08
CA ALA A 365 22.96 -2.09 18.20
C ALA A 365 22.34 -0.70 18.36
N ASP A 366 23.15 0.34 18.22
CA ASP A 366 22.69 1.72 18.41
C ASP A 366 21.89 2.19 17.19
N LEU A 367 22.32 1.84 15.97
CA LEU A 367 21.50 2.16 14.77
C LEU A 367 20.15 1.43 14.83
N THR A 368 20.13 0.20 15.34
CA THR A 368 18.85 -0.56 15.49
C THR A 368 17.97 0.23 16.45
N ALA A 369 18.60 0.76 17.52
CA ALA A 369 17.79 1.49 18.53
C ALA A 369 17.28 2.80 17.93
N SER A 370 18.09 3.49 17.15
CA SER A 370 17.63 4.73 16.47
C SER A 370 16.47 4.40 15.53
N PHE A 371 16.63 3.34 14.77
CA PHE A 371 15.56 2.92 13.83
C PHE A 371 14.32 2.57 14.64
N ASP A 372 14.49 1.79 15.69
CA ASP A 372 13.34 1.38 16.48
C ASP A 372 12.61 2.57 17.10
N ALA A 373 13.29 3.68 17.32
CA ALA A 373 12.73 4.86 17.97
C ALA A 373 12.23 5.92 17.00
N ARG A 374 12.25 5.68 15.70
CA ARG A 374 12.06 6.78 14.76
C ARG A 374 10.60 7.27 14.72
N ARG A 375 9.65 6.51 15.26
CA ARG A 375 8.25 6.90 15.31
C ARG A 375 7.77 7.09 16.75
N LYS A 376 8.71 7.27 17.69
CA LYS A 376 8.42 7.14 19.11
C LYS A 376 7.39 8.16 19.58
N ASP A 377 7.40 9.37 19.01
CA ASP A 377 6.60 10.45 19.56
C ASP A 377 5.14 10.37 19.16
N LEU A 378 4.79 9.52 18.19
CA LEU A 378 3.45 9.44 17.64
C LEU A 378 2.57 8.49 18.44
N PRO A 379 1.25 8.68 18.48
CA PRO A 379 0.39 7.64 19.02
C PRO A 379 0.49 6.40 18.16
N PRO A 380 0.40 5.22 18.76
CA PRO A 380 0.69 3.99 18.02
C PRO A 380 -0.30 3.78 16.88
N LEU A 381 0.24 3.45 15.71
CA LEU A 381 -0.59 3.21 14.54
C LEU A 381 -1.48 1.98 14.74
N GLN A 382 -0.95 0.93 15.40
CA GLN A 382 -1.75 -0.27 15.54
C GLN A 382 -2.99 -0.04 16.39
N ASP A 383 -2.91 0.84 17.40
CA ASP A 383 -4.09 1.15 18.20
C ASP A 383 -5.21 1.68 17.34
N ALA A 384 -4.90 2.61 16.42
CA ALA A 384 -5.89 3.17 15.53
C ALA A 384 -6.42 2.12 14.54
N LEU A 385 -5.53 1.27 14.01
CA LEU A 385 -5.97 0.23 13.09
C LEU A 385 -6.95 -0.70 13.77
N MET A 386 -6.63 -1.13 14.99
CA MET A 386 -7.50 -2.05 15.71
C MET A 386 -8.83 -1.39 16.03
N ALA A 387 -8.80 -0.13 16.44
CA ALA A 387 -10.04 0.60 16.70
C ALA A 387 -10.89 0.70 15.43
N SER A 388 -10.25 0.97 14.28
CA SER A 388 -10.99 1.03 13.03
C SER A 388 -11.59 -0.33 12.66
N LEU A 389 -10.82 -1.42 12.82
CA LEU A 389 -11.37 -2.74 12.51
C LEU A 389 -12.50 -3.11 13.46
N GLY A 390 -12.38 -2.74 14.72
CA GLY A 390 -13.50 -2.97 15.64
C GLY A 390 -14.80 -2.41 15.09
N TYR A 391 -14.75 -1.19 14.57
CA TYR A 391 -15.94 -0.61 13.96
C TYR A 391 -16.31 -1.33 12.67
N ALA A 392 -15.33 -1.51 11.78
CA ALA A 392 -15.60 -2.04 10.45
C ALA A 392 -16.16 -3.45 10.51
N LEU A 393 -15.68 -4.27 11.45
CA LEU A 393 -16.08 -5.66 11.53
C LEU A 393 -17.36 -5.84 12.33
N GLY A 394 -17.82 -4.81 13.04
CA GLY A 394 -19.00 -4.92 13.86
C GLY A 394 -18.68 -5.49 15.22
N ARG A 395 -19.66 -5.39 16.11
CA ARG A 395 -19.48 -5.88 17.49
C ARG A 395 -20.60 -6.85 17.88
N LEU A 396 -20.30 -7.68 18.87
CA LEU A 396 -21.25 -8.72 19.33
C LEU A 396 -22.34 -8.07 20.17
N GLU A 397 -23.48 -7.81 19.55
CA GLU A 397 -24.61 -7.16 20.24
C GLU A 397 -25.91 -7.56 19.53
N HIS A 398 -26.94 -7.82 20.32
CA HIS A 398 -28.20 -8.29 19.72
C HIS A 398 -28.69 -7.27 18.69
N HIS A 399 -28.64 -6.01 19.05
CA HIS A 399 -29.15 -4.93 18.17
C HIS A 399 -28.01 -3.97 17.87
N HIS A 400 -27.80 -3.72 16.58
CA HIS A 400 -26.79 -2.72 16.20
C HIS A 400 -27.17 -1.39 16.83
N HIS A 401 -26.24 -0.80 17.54
CA HIS A 401 -26.49 0.56 18.06
C HIS A 401 -25.21 1.37 18.14
N HIS A 402 -25.38 2.64 18.34
CA HIS A 402 -24.22 3.56 18.37
C HIS A 402 -23.43 3.41 19.68
N HIS A 403 -22.12 3.50 19.56
CA HIS A 403 -21.27 3.49 20.78
C HIS A 403 -20.45 4.80 20.83
#